data_7S1D
#
_entry.id   7S1D
#
_cell.length_a   115.966
_cell.length_b   64.220
_cell.length_c   74.356
_cell.angle_alpha   90.000
_cell.angle_beta   126.040
_cell.angle_gamma   90.000
#
_symmetry.space_group_name_H-M   'C 1 2 1'
#
loop_
_entity.id
_entity.type
_entity.pdbx_description
1 polymer 'Thiol:disulfide interchange protein DsbA'
2 non-polymer 1-[3-(thiophen-3-yl)benzyl]piperidin-2-one
3 non-polymer 'COPPER (II) ION'
4 water water
#
_entity_poly.entity_id   1
_entity_poly.type   'polypeptide(L)'
_entity_poly.pdbx_seq_one_letter_code
;AQYEDGKQYTTLEKPVAGAPQVLEFFSFFCPHCYQFEEVLHISDNVKKKLPEGVKMTKYHVNFMGGDLGKDLTQAWAVAM
ALGVEDKVTVPLFEGVQKTQTIRSASDIRDVFINAGIKGEEYDAAWNSFVVKSLVAQQEKAAADVQLRGVPAMFVNGKYQ
LNPQGMDTSNMDVFVQQYADTVKYLSEKK
;
_entity_poly.pdbx_strand_id   A,B
#
loop_
_chem_comp.id
_chem_comp.type
_chem_comp.name
_chem_comp.formula
648 non-polymer 1-[3-(thiophen-3-yl)benzyl]piperidin-2-one 'C16 H17 N O S'
CU non-polymer 'COPPER (II) ION' 'Cu 2'
#
# COMPACT_ATOMS: atom_id res chain seq x y z
N ALA A 1 -5.98 6.19 -32.03
CA ALA A 1 -6.92 5.06 -32.15
C ALA A 1 -7.44 4.76 -30.76
N GLN A 2 -8.24 3.70 -30.55
CA GLN A 2 -8.73 3.44 -29.19
C GLN A 2 -7.61 3.00 -28.25
N TYR A 3 -6.85 1.99 -28.66
CA TYR A 3 -5.63 1.62 -27.95
C TYR A 3 -4.46 2.22 -28.71
N GLU A 4 -3.64 3.01 -28.00
CA GLU A 4 -2.56 3.75 -28.66
C GLU A 4 -1.27 3.52 -27.91
N ASP A 5 -0.23 3.18 -28.67
CA ASP A 5 1.12 3.10 -28.15
C ASP A 5 1.46 4.42 -27.47
N GLY A 6 1.82 4.35 -26.19
CA GLY A 6 2.15 5.52 -25.39
C GLY A 6 1.05 5.91 -24.45
N LYS A 7 -0.15 5.39 -24.71
CA LYS A 7 -1.29 5.63 -23.82
C LYS A 7 -1.50 4.45 -22.87
N GLN A 8 -2.25 3.44 -23.31
CA GLN A 8 -2.52 2.32 -22.42
C GLN A 8 -1.37 1.32 -22.31
N TYR A 9 -0.45 1.40 -23.26
CA TYR A 9 0.71 0.53 -23.26
C TYR A 9 1.87 1.21 -23.95
N THR A 10 3.06 0.66 -23.75
CA THR A 10 4.21 1.09 -24.53
C THR A 10 4.80 -0.13 -25.23
N THR A 11 5.67 0.12 -26.19
CA THR A 11 6.25 -0.93 -27.03
C THR A 11 7.74 -1.05 -26.72
N LEU A 12 8.21 -2.25 -26.42
CA LEU A 12 9.63 -2.44 -26.12
C LEU A 12 10.48 -2.24 -27.37
N GLU A 13 11.58 -1.49 -27.25
CA GLU A 13 12.41 -1.29 -28.43
C GLU A 13 13.28 -2.53 -28.67
N LYS A 14 13.52 -3.30 -27.61
CA LYS A 14 14.21 -4.58 -27.75
C LYS A 14 13.30 -5.72 -27.35
N PRO A 15 12.47 -6.19 -28.29
CA PRO A 15 11.50 -7.26 -28.04
C PRO A 15 12.17 -8.53 -27.55
N VAL A 16 11.53 -9.25 -26.65
CA VAL A 16 12.10 -10.46 -26.05
C VAL A 16 11.49 -11.70 -26.65
N ALA A 17 12.26 -12.44 -27.46
CA ALA A 17 11.75 -13.66 -28.08
C ALA A 17 11.62 -14.76 -27.03
N GLY A 18 10.56 -15.54 -27.14
CA GLY A 18 10.35 -16.69 -26.27
C GLY A 18 9.92 -16.32 -24.86
N ALA A 19 9.47 -15.09 -24.70
CA ALA A 19 9.03 -14.63 -23.38
C ALA A 19 7.64 -15.21 -23.07
N PRO A 20 7.29 -15.33 -21.78
CA PRO A 20 5.94 -15.79 -21.44
C PRO A 20 4.89 -14.88 -22.07
N GLN A 21 3.71 -15.42 -22.33
CA GLN A 21 2.68 -14.68 -23.04
C GLN A 21 2.26 -13.43 -22.27
N VAL A 22 2.00 -13.62 -20.99
CA VAL A 22 1.65 -12.53 -20.10
C VAL A 22 2.48 -12.67 -18.86
N LEU A 23 3.28 -11.66 -18.59
CA LEU A 23 4.31 -11.73 -17.59
C LEU A 23 4.17 -10.56 -16.65
N GLU A 24 3.85 -10.86 -15.40
CA GLU A 24 3.74 -9.86 -14.35
C GLU A 24 4.94 -9.93 -13.40
N PHE A 25 5.41 -8.75 -13.00
CA PHE A 25 6.46 -8.65 -11.97
C PHE A 25 5.94 -7.85 -10.80
N PHE A 26 6.39 -8.27 -9.61
CA PHE A 26 6.01 -7.55 -8.40
C PHE A 26 7.09 -7.72 -7.33
N SER A 27 6.95 -6.94 -6.27
CA SER A 27 7.71 -7.19 -5.04
C SER A 27 6.75 -7.13 -3.88
N PHE A 28 6.96 -7.98 -2.86
CA PHE A 28 6.15 -7.85 -1.66
C PHE A 28 6.47 -6.56 -0.87
N PHE A 29 7.54 -5.86 -1.24
CA PHE A 29 7.87 -4.54 -0.68
C PHE A 29 7.23 -3.34 -1.41
N CYS A 30 6.62 -3.63 -2.53
CA CYS A 30 6.19 -2.59 -3.43
C CYS A 30 4.77 -2.10 -3.08
N PRO A 31 4.64 -0.81 -2.71
CA PRO A 31 3.31 -0.39 -2.24
C PRO A 31 2.24 -0.47 -3.32
N HIS A 32 2.54 -0.07 -4.55
CA HIS A 32 1.52 -0.19 -5.59
C HIS A 32 1.18 -1.63 -5.88
N CYS A 33 2.15 -2.54 -5.67
CA CYS A 33 1.93 -3.97 -5.85
C CYS A 33 0.92 -4.51 -4.85
N TYR A 34 1.02 -4.03 -3.60
CA TYR A 34 0.03 -4.39 -2.59
C TYR A 34 -1.35 -3.94 -3.06
N GLN A 35 -1.43 -2.72 -3.57
CA GLN A 35 -2.71 -2.24 -4.09
C GLN A 35 -3.19 -3.11 -5.26
N PHE A 36 -2.30 -3.36 -6.22
CA PHE A 36 -2.69 -4.18 -7.39
C PHE A 36 -3.26 -5.51 -6.99
N GLU A 37 -2.62 -6.18 -6.03
CA GLU A 37 -3.00 -7.51 -5.69
C GLU A 37 -4.08 -7.60 -4.64
N GLU A 38 -3.96 -6.78 -3.58
CA GLU A 38 -4.87 -6.92 -2.46
C GLU A 38 -6.16 -6.13 -2.58
N VAL A 39 -6.11 -5.01 -3.32
CA VAL A 39 -7.21 -4.08 -3.39
C VAL A 39 -7.89 -4.09 -4.78
N LEU A 40 -7.06 -4.03 -5.83
CA LEU A 40 -7.55 -4.05 -7.22
C LEU A 40 -7.69 -5.45 -7.84
N HIS A 41 -6.95 -6.43 -7.33
CA HIS A 41 -6.98 -7.79 -7.87
C HIS A 41 -6.70 -7.82 -9.37
N ILE A 42 -5.69 -7.07 -9.75
CA ILE A 42 -5.25 -7.02 -11.14
C ILE A 42 -4.94 -8.40 -11.77
N SER A 43 -4.09 -9.22 -11.14
CA SER A 43 -3.74 -10.50 -11.79
C SER A 43 -4.98 -11.32 -12.05
N ASP A 44 -5.84 -11.42 -11.05
CA ASP A 44 -7.00 -12.26 -11.22
C ASP A 44 -7.92 -11.73 -12.31
N ASN A 45 -8.12 -10.43 -12.36
CA ASN A 45 -9.02 -9.92 -13.38
C ASN A 45 -8.42 -9.97 -14.78
N VAL A 46 -7.10 -9.87 -14.88
CA VAL A 46 -6.43 -10.06 -16.17
C VAL A 46 -6.60 -11.52 -16.62
N LYS A 47 -6.31 -12.46 -15.71
CA LYS A 47 -6.43 -13.89 -16.02
C LYS A 47 -7.81 -14.23 -16.51
N LYS A 48 -8.83 -13.65 -15.87
CA LYS A 48 -10.20 -14.01 -16.17
C LYS A 48 -10.68 -13.55 -17.55
N LYS A 49 -9.90 -12.68 -18.19
CA LYS A 49 -10.24 -12.23 -19.53
C LYS A 49 -9.27 -12.67 -20.61
N LEU A 50 -8.21 -13.38 -20.22
CA LEU A 50 -7.24 -13.83 -21.21
C LEU A 50 -7.89 -14.81 -22.18
N PRO A 51 -7.54 -14.67 -23.48
CA PRO A 51 -7.97 -15.62 -24.47
C PRO A 51 -7.60 -17.04 -24.09
N GLU A 52 -8.35 -17.98 -24.62
CA GLU A 52 -8.01 -19.39 -24.49
C GLU A 52 -6.57 -19.67 -24.96
N GLY A 53 -5.82 -20.40 -24.14
CA GLY A 53 -4.49 -20.79 -24.54
C GLY A 53 -3.42 -19.81 -24.12
N VAL A 54 -3.82 -18.69 -23.54
CA VAL A 54 -2.85 -17.72 -23.04
C VAL A 54 -2.72 -17.87 -21.53
N LYS A 55 -1.50 -18.18 -21.08
CA LYS A 55 -1.27 -18.39 -19.66
C LYS A 55 -0.54 -17.20 -19.05
N MET A 56 -0.68 -17.07 -17.74
CA MET A 56 -0.09 -15.96 -17.01
C MET A 56 1.06 -16.42 -16.13
N THR A 57 2.12 -15.63 -16.13
CA THR A 57 3.28 -15.92 -15.32
C THR A 57 3.49 -14.72 -14.40
N LYS A 58 3.76 -14.97 -13.12
CA LYS A 58 4.00 -13.88 -12.18
C LYS A 58 5.27 -14.16 -11.41
N TYR A 59 6.19 -13.20 -11.44
CA TYR A 59 7.51 -13.34 -10.85
C TYR A 59 7.83 -12.21 -9.88
N HIS A 60 8.57 -12.56 -8.84
CA HIS A 60 9.03 -11.59 -7.85
C HIS A 60 10.39 -10.99 -8.32
N VAL A 61 10.76 -9.84 -7.76
CA VAL A 61 11.98 -9.15 -8.13
C VAL A 61 12.87 -8.89 -6.92
N ASN A 62 14.15 -8.73 -7.21
CA ASN A 62 15.11 -8.55 -6.12
C ASN A 62 15.37 -7.12 -5.72
N PHE A 63 15.08 -6.16 -6.60
CA PHE A 63 15.68 -4.83 -6.47
C PHE A 63 15.01 -3.95 -5.39
N MET A 64 14.03 -4.50 -4.66
CA MET A 64 13.52 -3.79 -3.50
C MET A 64 13.79 -4.60 -2.24
N GLY A 65 14.23 -3.95 -1.17
CA GLY A 65 14.26 -4.64 0.09
C GLY A 65 15.53 -5.40 0.40
N GLY A 66 16.58 -5.18 -0.39
CA GLY A 66 17.88 -5.73 -0.05
C GLY A 66 17.89 -7.23 0.14
N ASP A 67 18.49 -7.67 1.24
CA ASP A 67 18.55 -9.09 1.54
C ASP A 67 17.20 -9.76 1.61
N LEU A 68 16.27 -9.14 2.34
CA LEU A 68 14.95 -9.72 2.52
C LEU A 68 14.21 -9.77 1.18
N GLY A 69 14.47 -8.79 0.31
CA GLY A 69 13.87 -8.82 -1.02
C GLY A 69 14.30 -10.08 -1.78
N LYS A 70 15.59 -10.43 -1.68
CA LYS A 70 16.07 -11.64 -2.32
C LYS A 70 15.52 -12.90 -1.67
N ASP A 71 15.41 -12.89 -0.34
CA ASP A 71 14.75 -13.99 0.34
C ASP A 71 13.32 -14.14 -0.17
N LEU A 72 12.61 -13.03 -0.40
CA LEU A 72 11.25 -13.14 -0.90
C LEU A 72 11.18 -13.69 -2.32
N THR A 73 12.16 -13.39 -3.16
CA THR A 73 12.19 -14.00 -4.48
C THR A 73 12.36 -15.52 -4.36
N GLN A 74 13.21 -15.93 -3.43
CA GLN A 74 13.40 -17.36 -3.20
C GLN A 74 12.11 -17.98 -2.62
N ALA A 75 11.43 -17.27 -1.71
CA ALA A 75 10.21 -17.81 -1.16
C ALA A 75 9.11 -17.89 -2.24
N TRP A 76 9.12 -16.93 -3.16
CA TRP A 76 8.15 -16.97 -4.27
C TRP A 76 8.44 -18.18 -5.14
N ALA A 77 9.73 -18.48 -5.35
CA ALA A 77 10.11 -19.73 -6.03
C ALA A 77 9.56 -20.97 -5.30
N VAL A 78 9.67 -20.98 -3.96
CA VAL A 78 9.09 -22.08 -3.20
C VAL A 78 7.57 -22.12 -3.41
N ALA A 79 6.93 -20.96 -3.38
CA ALA A 79 5.49 -20.94 -3.60
C ALA A 79 5.11 -21.50 -4.99
N MET A 80 5.87 -21.13 -6.02
CA MET A 80 5.59 -21.64 -7.36
C MET A 80 5.82 -23.14 -7.44
N ALA A 81 6.90 -23.59 -6.82
CA ALA A 81 7.28 -25.00 -6.88
C ALA A 81 6.23 -25.90 -6.17
N LEU A 82 5.72 -25.40 -5.05
CA LEU A 82 4.73 -26.14 -4.27
C LEU A 82 3.30 -25.89 -4.73
N GLY A 83 3.13 -24.89 -5.60
CA GLY A 83 1.79 -24.50 -6.06
C GLY A 83 0.91 -23.88 -4.99
N VAL A 84 1.50 -23.09 -4.11
CA VAL A 84 0.74 -22.51 -2.99
C VAL A 84 0.68 -20.98 -3.06
N GLU A 85 0.86 -20.41 -4.26
CA GLU A 85 0.75 -18.95 -4.44
C GLU A 85 -0.53 -18.38 -3.85
N ASP A 86 -1.67 -19.02 -4.07
CA ASP A 86 -2.94 -18.51 -3.58
C ASP A 86 -3.12 -18.66 -2.07
N LYS A 87 -2.21 -19.37 -1.41
CA LYS A 87 -2.26 -19.47 0.05
C LYS A 87 -1.35 -18.47 0.72
N VAL A 88 -0.28 -18.05 0.05
CA VAL A 88 0.70 -17.23 0.76
C VAL A 88 0.79 -15.78 0.26
N THR A 89 0.17 -15.45 -0.86
CA THR A 89 0.31 -14.10 -1.38
C THR A 89 -0.23 -13.05 -0.39
N VAL A 90 -1.44 -13.26 0.11
CA VAL A 90 -2.01 -12.28 1.04
C VAL A 90 -1.15 -12.16 2.31
N PRO A 91 -0.82 -13.28 2.98
CA PRO A 91 -0.06 -13.11 4.23
C PRO A 91 1.36 -12.60 4.06
N LEU A 92 1.98 -12.85 2.91
CA LEU A 92 3.29 -12.26 2.63
C LEU A 92 3.14 -10.75 2.44
N PHE A 93 2.18 -10.31 1.64
CA PHE A 93 1.97 -8.86 1.49
C PHE A 93 1.63 -8.21 2.82
N GLU A 94 0.74 -8.83 3.59
CA GLU A 94 0.35 -8.22 4.84
C GLU A 94 1.50 -8.26 5.85
N GLY A 95 2.26 -9.36 5.86
CA GLY A 95 3.39 -9.46 6.77
C GLY A 95 4.45 -8.40 6.47
N VAL A 96 4.69 -8.09 5.21
CA VAL A 96 5.70 -7.09 4.89
C VAL A 96 5.16 -5.68 5.09
N GLN A 97 3.93 -5.40 4.63
CA GLN A 97 3.49 -4.01 4.57
C GLN A 97 2.42 -3.60 5.57
N LYS A 98 1.64 -4.56 6.06
CA LYS A 98 0.55 -4.20 6.96
C LYS A 98 0.98 -4.36 8.40
N THR A 99 1.36 -5.58 8.77
CA THR A 99 1.78 -5.78 10.15
C THR A 99 3.29 -5.56 10.34
N GLN A 100 4.04 -5.57 9.25
CA GLN A 100 5.50 -5.44 9.30
C GLN A 100 6.11 -6.41 10.31
N THR A 101 5.63 -7.64 10.22
CA THR A 101 6.10 -8.74 11.05
C THR A 101 7.08 -9.64 10.29
N ILE A 102 7.33 -9.36 9.01
CA ILE A 102 8.28 -10.15 8.24
C ILE A 102 9.56 -9.38 8.16
N ARG A 103 10.56 -9.82 8.93
CA ARG A 103 11.83 -9.13 9.05
C ARG A 103 13.01 -10.04 8.75
N SER A 104 12.74 -11.31 8.53
CA SER A 104 13.80 -12.31 8.34
C SER A 104 13.27 -13.45 7.49
N ALA A 105 14.19 -14.29 7.01
CA ALA A 105 13.79 -15.48 6.28
C ALA A 105 12.96 -16.39 7.16
N SER A 106 13.25 -16.44 8.47
CA SER A 106 12.45 -17.28 9.35
C SER A 106 11.03 -16.76 9.39
N ASP A 107 10.87 -15.44 9.39
CA ASP A 107 9.51 -14.89 9.42
C ASP A 107 8.73 -15.21 8.15
N ILE A 108 9.45 -15.25 7.00
CA ILE A 108 8.81 -15.65 5.76
C ILE A 108 8.34 -17.08 5.90
N ARG A 109 9.22 -17.95 6.42
CA ARG A 109 8.91 -19.36 6.60
C ARG A 109 7.65 -19.53 7.48
N ASP A 110 7.56 -18.74 8.55
CA ASP A 110 6.37 -18.79 9.41
C ASP A 110 5.05 -18.61 8.64
N VAL A 111 5.08 -17.76 7.62
CA VAL A 111 3.85 -17.53 6.85
C VAL A 111 3.46 -18.82 6.15
N PHE A 112 4.45 -19.52 5.59
CA PHE A 112 4.14 -20.80 4.94
C PHE A 112 3.65 -21.87 5.92
N ILE A 113 4.31 -21.98 7.07
CA ILE A 113 3.89 -22.92 8.10
C ILE A 113 2.45 -22.63 8.55
N ASN A 114 2.14 -21.35 8.78
CA ASN A 114 0.79 -21.00 9.23
C ASN A 114 -0.24 -21.32 8.14
N ALA A 115 0.18 -21.22 6.89
CA ALA A 115 -0.70 -21.50 5.75
C ALA A 115 -0.83 -23.01 5.50
N GLY A 116 -0.14 -23.82 6.30
CA GLY A 116 -0.32 -25.27 6.27
C GLY A 116 0.72 -26.03 5.49
N ILE A 117 1.74 -25.33 4.98
CA ILE A 117 2.86 -26.02 4.34
C ILE A 117 3.74 -26.62 5.45
N LYS A 118 4.00 -27.94 5.42
CA LYS A 118 4.78 -28.56 6.47
C LYS A 118 6.20 -28.04 6.48
N GLY A 119 6.79 -27.98 7.67
CA GLY A 119 8.14 -27.44 7.81
C GLY A 119 9.18 -28.17 6.98
N GLU A 120 9.15 -29.51 7.03
CA GLU A 120 10.09 -30.30 6.24
C GLU A 120 9.93 -30.04 4.71
N GLU A 121 8.68 -29.86 4.28
CA GLU A 121 8.34 -29.60 2.88
CA GLU A 121 8.35 -29.60 2.88
C GLU A 121 8.87 -28.23 2.43
N TYR A 122 8.67 -27.23 3.27
CA TYR A 122 9.13 -25.88 2.97
C TYR A 122 10.66 -25.89 2.89
N ASP A 123 11.29 -26.52 3.87
CA ASP A 123 12.75 -26.49 3.97
C ASP A 123 13.37 -27.26 2.81
N ALA A 124 12.76 -28.39 2.44
CA ALA A 124 13.28 -29.16 1.29
C ALA A 124 13.19 -28.32 0.01
N ALA A 125 12.07 -27.64 -0.18
CA ALA A 125 11.87 -26.80 -1.35
C ALA A 125 12.85 -25.65 -1.31
N TRP A 126 12.93 -24.97 -0.16
CA TRP A 126 13.82 -23.80 -0.03
C TRP A 126 15.25 -24.15 -0.42
N ASN A 127 15.71 -25.35 -0.06
CA ASN A 127 17.09 -25.75 -0.31
C ASN A 127 17.33 -26.47 -1.64
N SER A 128 16.27 -26.60 -2.42
CA SER A 128 16.33 -27.43 -3.63
C SER A 128 16.90 -26.68 -4.80
N PHE A 129 17.44 -27.46 -5.75
CA PHE A 129 17.97 -26.89 -6.97
C PHE A 129 16.83 -26.57 -7.92
N VAL A 130 15.69 -27.25 -7.79
CA VAL A 130 14.51 -26.82 -8.56
C VAL A 130 14.16 -25.38 -8.20
N VAL A 131 14.22 -25.05 -6.91
CA VAL A 131 13.95 -23.68 -6.48
C VAL A 131 15.08 -22.72 -6.91
N LYS A 132 16.34 -23.15 -6.87
CA LYS A 132 17.41 -22.28 -7.40
C LYS A 132 17.15 -21.96 -8.87
N SER A 133 16.65 -22.94 -9.62
CA SER A 133 16.38 -22.74 -11.02
C SER A 133 15.21 -21.79 -11.24
N LEU A 134 14.18 -21.90 -10.41
CA LEU A 134 13.06 -20.97 -10.48
C LEU A 134 13.49 -19.55 -10.07
N VAL A 135 14.40 -19.42 -9.12
CA VAL A 135 14.96 -18.10 -8.83
C VAL A 135 15.67 -17.54 -10.07
N ALA A 136 16.50 -18.38 -10.70
CA ALA A 136 17.20 -17.97 -11.92
C ALA A 136 16.21 -17.54 -13.01
N GLN A 137 15.10 -18.26 -13.14
CA GLN A 137 14.14 -17.96 -14.19
C GLN A 137 13.50 -16.59 -13.93
N GLN A 138 13.17 -16.30 -12.65
CA GLN A 138 12.61 -15.00 -12.28
C GLN A 138 13.61 -13.90 -12.57
N GLU A 139 14.87 -14.12 -12.21
CA GLU A 139 15.87 -13.08 -12.47
C GLU A 139 16.10 -12.86 -13.97
N LYS A 140 16.18 -13.96 -14.73
CA LYS A 140 16.39 -13.83 -16.17
C LYS A 140 15.27 -13.04 -16.83
N ALA A 141 14.02 -13.33 -16.47
CA ALA A 141 12.91 -12.67 -17.14
C ALA A 141 12.92 -11.15 -16.88
N ALA A 142 13.28 -10.78 -15.66
CA ALA A 142 13.41 -9.36 -15.30
C ALA A 142 14.56 -8.71 -16.03
N ALA A 143 15.68 -9.42 -16.10
CA ALA A 143 16.85 -8.93 -16.81
C ALA A 143 16.59 -8.75 -18.31
N ASP A 144 15.75 -9.61 -18.89
CA ASP A 144 15.48 -9.57 -20.33
C ASP A 144 14.86 -8.21 -20.72
N VAL A 145 14.14 -7.58 -19.79
CA VAL A 145 13.52 -6.28 -20.05
C VAL A 145 14.13 -5.14 -19.23
N GLN A 146 15.31 -5.37 -18.68
CA GLN A 146 16.02 -4.36 -17.90
C GLN A 146 15.12 -3.75 -16.82
N LEU A 147 14.43 -4.59 -16.07
CA LEU A 147 13.35 -4.12 -15.21
C LEU A 147 13.85 -3.33 -14.02
N ARG A 148 13.27 -2.14 -13.81
CA ARG A 148 13.71 -1.31 -12.68
C ARG A 148 12.53 -0.72 -11.93
N GLY A 149 11.32 -1.14 -12.30
CA GLY A 149 10.15 -0.72 -11.55
C GLY A 149 9.08 -1.79 -11.53
N VAL A 150 8.31 -1.83 -10.42
CA VAL A 150 7.14 -2.68 -10.31
C VAL A 150 6.02 -1.81 -9.74
N PRO A 151 4.78 -2.25 -9.91
CA PRO A 151 4.38 -3.43 -10.66
C PRO A 151 4.62 -3.21 -12.16
N ALA A 152 4.76 -4.31 -12.87
CA ALA A 152 4.95 -4.24 -14.32
C ALA A 152 4.27 -5.45 -14.95
N MET A 153 3.72 -5.26 -16.13
CA MET A 153 3.18 -6.37 -16.88
C MET A 153 3.57 -6.25 -18.37
N PHE A 154 4.00 -7.37 -18.94
CA PHE A 154 4.48 -7.43 -20.32
C PHE A 154 3.66 -8.46 -21.07
N VAL A 155 3.38 -8.18 -22.32
CA VAL A 155 2.65 -9.12 -23.16
C VAL A 155 3.52 -9.52 -24.36
N ASN A 156 3.73 -10.84 -24.48
CA ASN A 156 4.51 -11.46 -25.56
C ASN A 156 5.89 -10.89 -25.81
N GLY A 157 6.54 -10.42 -24.75
CA GLY A 157 7.87 -9.88 -24.88
C GLY A 157 7.92 -8.58 -25.65
N LYS A 158 6.76 -8.00 -25.95
CA LYS A 158 6.72 -6.89 -26.89
C LYS A 158 6.15 -5.62 -26.30
N TYR A 159 5.17 -5.79 -25.42
CA TYR A 159 4.40 -4.66 -24.97
C TYR A 159 4.39 -4.58 -23.46
N GLN A 160 4.36 -3.36 -22.94
CA GLN A 160 4.37 -3.13 -21.51
C GLN A 160 3.13 -2.32 -21.13
N LEU A 161 2.38 -2.79 -20.15
CA LEU A 161 1.22 -2.06 -19.68
C LEU A 161 1.60 -0.69 -19.13
N ASN A 162 0.75 0.30 -19.39
CA ASN A 162 0.97 1.64 -18.92
C ASN A 162 -0.23 2.14 -18.14
N PRO A 163 -0.38 1.72 -16.88
CA PRO A 163 -1.55 2.12 -16.10
C PRO A 163 -1.59 3.61 -15.76
N GLN A 164 -0.47 4.31 -15.88
CA GLN A 164 -0.44 5.73 -15.56
C GLN A 164 -1.31 6.52 -16.54
N GLY A 165 -1.63 5.91 -17.67
CA GLY A 165 -2.46 6.52 -18.68
C GLY A 165 -3.93 6.13 -18.58
N MET A 166 -4.34 5.69 -17.40
CA MET A 166 -5.74 5.29 -17.19
C MET A 166 -6.33 6.08 -16.01
N ASP A 167 -7.61 6.45 -16.15
CA ASP A 167 -8.40 7.13 -15.13
C ASP A 167 -8.45 6.29 -13.86
N THR A 168 -8.14 6.91 -12.74
CA THR A 168 -8.12 6.24 -11.45
C THR A 168 -9.18 6.81 -10.51
N SER A 169 -10.33 7.18 -11.03
CA SER A 169 -11.37 7.66 -10.15
C SER A 169 -12.26 6.53 -9.68
N ASN A 170 -12.31 5.45 -10.47
CA ASN A 170 -13.11 4.29 -10.14
C ASN A 170 -12.28 3.05 -10.24
N MET A 171 -12.07 2.33 -9.12
CA MET A 171 -11.21 1.17 -9.10
C MET A 171 -11.66 0.07 -10.07
N ASP A 172 -12.97 -0.18 -10.12
CA ASP A 172 -13.50 -1.28 -10.91
C ASP A 172 -13.25 -0.99 -12.41
N VAL A 173 -13.49 0.25 -12.80
CA VAL A 173 -13.30 0.63 -14.20
C VAL A 173 -11.85 0.56 -14.58
N PHE A 174 -10.97 0.95 -13.67
CA PHE A 174 -9.56 0.90 -13.94
C PHE A 174 -9.09 -0.55 -14.16
N VAL A 175 -9.54 -1.44 -13.29
CA VAL A 175 -9.14 -2.84 -13.39
C VAL A 175 -9.63 -3.43 -14.73
N GLN A 176 -10.87 -3.15 -15.15
N GLN A 176 -10.87 -3.08 -15.08
CA GLN A 176 -11.29 -3.79 -16.38
CA GLN A 176 -11.51 -3.57 -16.30
C GLN A 176 -10.63 -3.12 -17.59
C GLN A 176 -10.73 -3.09 -17.53
N GLN A 177 -10.34 -1.82 -17.52
CA GLN A 177 -9.56 -1.23 -18.59
C GLN A 177 -8.18 -1.89 -18.74
N TYR A 178 -7.51 -2.10 -17.60
CA TYR A 178 -6.25 -2.80 -17.60
C TYR A 178 -6.40 -4.21 -18.18
N ALA A 179 -7.39 -4.96 -17.70
CA ALA A 179 -7.58 -6.32 -18.19
C ALA A 179 -7.94 -6.34 -19.68
N ASP A 180 -8.77 -5.40 -20.12
CA ASP A 180 -9.16 -5.34 -21.53
C ASP A 180 -7.98 -4.98 -22.41
N THR A 181 -7.04 -4.20 -21.86
CA THR A 181 -5.85 -3.84 -22.62
C THR A 181 -4.92 -5.06 -22.75
N VAL A 182 -4.78 -5.82 -21.67
CA VAL A 182 -3.99 -7.04 -21.75
C VAL A 182 -4.58 -7.99 -22.80
N LYS A 183 -5.91 -8.12 -22.83
CA LYS A 183 -6.57 -8.99 -23.81
C LYS A 183 -6.30 -8.48 -25.23
N TYR A 184 -6.51 -7.18 -25.46
CA TYR A 184 -6.19 -6.56 -26.73
C TYR A 184 -4.74 -6.87 -27.15
N LEU A 185 -3.79 -6.66 -26.24
CA LEU A 185 -2.40 -6.86 -26.60
C LEU A 185 -2.11 -8.31 -26.91
N SER A 186 -2.71 -9.22 -26.16
N SER A 186 -2.72 -9.22 -26.16
CA SER A 186 -2.50 -10.64 -26.39
CA SER A 186 -2.47 -10.64 -26.40
C SER A 186 -2.98 -11.06 -27.77
C SER A 186 -3.01 -11.10 -27.74
N GLU A 187 -3.99 -10.36 -28.28
CA GLU A 187 -4.58 -10.66 -29.57
C GLU A 187 -3.86 -9.99 -30.74
N LYS A 188 -2.90 -9.11 -30.48
CA LYS A 188 -2.16 -8.46 -31.56
C LYS A 188 -1.34 -9.51 -32.28
N ALA B 1 22.51 8.81 25.84
CA ALA B 1 21.14 9.09 26.31
C ALA B 1 20.11 8.11 25.77
N GLN B 2 18.96 8.06 26.44
CA GLN B 2 17.88 7.17 25.95
C GLN B 2 17.38 7.59 24.57
N TYR B 3 16.95 8.83 24.46
CA TYR B 3 16.43 9.30 23.17
C TYR B 3 17.54 9.85 22.30
N GLU B 4 17.56 9.39 21.04
CA GLU B 4 18.60 9.81 20.12
C GLU B 4 17.99 10.17 18.76
N ASP B 5 18.46 11.30 18.20
CA ASP B 5 18.13 11.62 16.82
C ASP B 5 18.66 10.48 15.95
N GLY B 6 17.77 9.94 15.12
CA GLY B 6 18.13 8.86 14.20
C GLY B 6 17.67 7.53 14.74
N LYS B 7 17.31 7.51 16.02
CA LYS B 7 16.80 6.29 16.65
C LYS B 7 15.28 6.37 16.75
N GLN B 8 14.73 7.01 17.79
CA GLN B 8 13.27 7.06 17.94
C GLN B 8 12.63 8.14 17.06
N TYR B 9 13.40 9.10 16.61
CA TYR B 9 12.88 10.21 15.82
C TYR B 9 13.98 10.74 14.94
N THR B 10 13.61 11.53 13.94
CA THR B 10 14.55 12.27 13.14
C THR B 10 14.17 13.74 13.22
N THR B 11 15.05 14.62 12.74
CA THR B 11 14.88 16.06 12.86
C THR B 11 14.75 16.70 11.50
N LEU B 12 13.67 17.48 11.29
CA LEU B 12 13.49 18.18 10.03
C LEU B 12 14.59 19.20 9.78
N GLU B 13 15.15 19.16 8.57
CA GLU B 13 16.17 20.14 8.17
C GLU B 13 15.56 21.52 8.00
N LYS B 14 14.30 21.57 7.59
CA LYS B 14 13.57 22.81 7.44
C LYS B 14 12.32 22.79 8.32
N PRO B 15 12.47 23.22 9.59
CA PRO B 15 11.34 23.19 10.51
C PRO B 15 10.17 24.05 10.02
N VAL B 16 8.95 23.59 10.30
CA VAL B 16 7.75 24.25 9.82
C VAL B 16 7.17 25.15 10.91
N ALA B 17 7.12 26.45 10.64
CA ALA B 17 6.56 27.40 11.59
C ALA B 17 5.03 27.31 11.60
N GLY B 18 4.45 27.32 12.79
CA GLY B 18 3.00 27.27 12.93
C GLY B 18 2.34 25.93 12.63
N ALA B 19 3.14 24.86 12.64
CA ALA B 19 2.60 23.52 12.44
C ALA B 19 1.79 23.11 13.67
N PRO B 20 0.86 22.16 13.51
CA PRO B 20 0.16 21.63 14.69
C PRO B 20 1.14 20.99 15.66
N GLN B 21 0.81 20.97 16.95
CA GLN B 21 1.69 20.41 17.95
C GLN B 21 2.04 18.94 17.68
N VAL B 22 1.00 18.15 17.39
CA VAL B 22 1.16 16.75 17.05
C VAL B 22 0.32 16.49 15.83
N LEU B 23 0.98 16.13 14.73
CA LEU B 23 0.32 16.03 13.46
C LEU B 23 0.57 14.67 12.85
N GLU B 24 -0.49 13.88 12.72
CA GLU B 24 -0.44 12.54 12.13
C GLU B 24 -1.00 12.60 10.71
N PHE B 25 -0.34 11.90 9.78
CA PHE B 25 -0.84 11.74 8.42
C PHE B 25 -1.18 10.27 8.18
N PHE B 26 -2.23 10.01 7.40
CA PHE B 26 -2.59 8.65 7.04
C PHE B 26 -3.31 8.65 5.71
N SER B 27 -3.55 7.44 5.21
CA SER B 27 -4.46 7.26 4.07
C SER B 27 -5.37 6.07 4.34
N PHE B 28 -6.61 6.12 3.89
CA PHE B 28 -7.46 4.94 4.01
C PHE B 28 -7.00 3.79 3.07
N PHE B 29 -6.08 4.06 2.15
CA PHE B 29 -5.47 3.00 1.34
C PHE B 29 -4.27 2.36 1.97
N CYS B 30 -3.81 2.94 3.07
CA CYS B 30 -2.52 2.60 3.63
C CYS B 30 -2.66 1.44 4.66
N PRO B 31 -2.12 0.24 4.32
CA PRO B 31 -2.35 -0.90 5.21
C PRO B 31 -1.68 -0.75 6.58
N HIS B 32 -0.49 -0.19 6.62
CA HIS B 32 0.17 -0.03 7.92
C HIS B 32 -0.56 1.04 8.74
N CYS B 33 -1.25 1.96 8.06
CA CYS B 33 -2.06 2.94 8.76
C CYS B 33 -3.26 2.28 9.43
N TYR B 34 -3.85 1.34 8.70
CA TYR B 34 -4.97 0.57 9.25
C TYR B 34 -4.47 -0.18 10.49
N GLN B 35 -3.30 -0.81 10.37
CA GLN B 35 -2.69 -1.47 11.50
C GLN B 35 -2.48 -0.52 12.69
N PHE B 36 -1.88 0.63 12.41
CA PHE B 36 -1.60 1.62 13.47
C PHE B 36 -2.88 1.98 14.19
N GLU B 37 -3.93 2.28 13.44
CA GLU B 37 -5.10 2.84 14.11
C GLU B 37 -5.97 1.80 14.78
N GLU B 38 -6.22 0.70 14.08
CA GLU B 38 -7.24 -0.25 14.52
C GLU B 38 -6.72 -1.47 15.25
N VAL B 39 -5.41 -1.74 15.15
CA VAL B 39 -4.81 -2.85 15.85
C VAL B 39 -3.89 -2.37 16.96
N LEU B 40 -2.97 -1.47 16.66
CA LEU B 40 -2.04 -0.94 17.69
C LEU B 40 -2.62 0.19 18.53
N HIS B 41 -3.67 0.84 18.02
CA HIS B 41 -4.22 2.05 18.66
C HIS B 41 -3.15 3.10 18.90
N ILE B 42 -2.33 3.39 17.90
CA ILE B 42 -1.20 4.31 18.15
C ILE B 42 -1.70 5.69 18.61
N SER B 43 -2.66 6.28 17.89
CA SER B 43 -3.14 7.61 18.25
CA SER B 43 -3.16 7.59 18.23
C SER B 43 -3.66 7.64 19.69
N ASP B 44 -4.40 6.61 20.08
CA ASP B 44 -4.96 6.61 21.44
C ASP B 44 -3.86 6.54 22.49
N ASN B 45 -2.84 5.73 22.22
CA ASN B 45 -1.79 5.59 23.22
C ASN B 45 -0.95 6.84 23.30
N VAL B 46 -0.75 7.49 22.15
CA VAL B 46 -0.07 8.80 22.16
C VAL B 46 -0.87 9.81 22.97
N LYS B 47 -2.16 9.90 22.67
CA LYS B 47 -3.02 10.82 23.39
C LYS B 47 -2.95 10.64 24.90
N LYS B 48 -3.01 9.40 25.35
CA LYS B 48 -3.02 9.10 26.80
C LYS B 48 -1.83 9.74 27.48
N LYS B 49 -0.78 9.98 26.71
CA LYS B 49 0.46 10.42 27.32
C LYS B 49 0.82 11.86 27.03
N LEU B 50 0.00 12.53 26.23
CA LEU B 50 0.30 13.90 25.84
C LEU B 50 0.15 14.85 27.02
N PRO B 51 1.11 15.80 27.18
CA PRO B 51 1.03 16.81 28.23
C PRO B 51 -0.23 17.65 28.03
N GLU B 52 -0.73 18.17 29.14
CA GLU B 52 -1.91 19.02 29.13
C GLU B 52 -1.79 20.16 28.12
N GLY B 53 -2.83 20.37 27.33
CA GLY B 53 -2.85 21.48 26.40
C GLY B 53 -2.22 21.15 25.07
N VAL B 54 -1.94 19.88 24.84
CA VAL B 54 -1.43 19.47 23.55
C VAL B 54 -2.51 18.70 22.80
N LYS B 55 -2.91 19.22 21.64
CA LYS B 55 -3.97 18.63 20.84
C LYS B 55 -3.37 17.80 19.72
N MET B 56 -4.08 16.76 19.32
CA MET B 56 -3.64 15.95 18.19
C MET B 56 -4.45 16.29 16.95
N THR B 57 -3.74 16.31 15.84
CA THR B 57 -4.32 16.63 14.56
C THR B 57 -4.03 15.46 13.64
N LYS B 58 -5.04 15.04 12.88
CA LYS B 58 -4.85 13.93 11.96
C LYS B 58 -5.40 14.32 10.60
N TYR B 59 -4.52 14.27 9.61
CA TYR B 59 -4.86 14.56 8.21
C TYR B 59 -4.68 13.36 7.27
N HIS B 60 -5.50 13.36 6.23
CA HIS B 60 -5.44 12.37 5.16
C HIS B 60 -4.55 12.91 4.03
N VAL B 61 -3.96 11.99 3.25
CA VAL B 61 -3.09 12.38 2.14
C VAL B 61 -3.62 11.91 0.79
N ASN B 62 -3.19 12.61 -0.26
CA ASN B 62 -3.71 12.36 -1.60
C ASN B 62 -3.00 11.26 -2.35
N PHE B 63 -1.78 10.92 -1.92
CA PHE B 63 -0.86 10.27 -2.83
C PHE B 63 -0.92 8.74 -2.86
N MET B 64 -1.89 8.16 -2.16
CA MET B 64 -2.21 6.75 -2.34
C MET B 64 -3.60 6.62 -2.92
N GLY B 65 -3.78 5.61 -3.76
CA GLY B 65 -5.11 5.32 -4.27
C GLY B 65 -5.55 6.13 -5.48
N GLY B 66 -4.62 6.70 -6.25
CA GLY B 66 -5.00 7.50 -7.42
C GLY B 66 -5.96 8.65 -7.12
N ASP B 67 -6.87 8.97 -8.06
CA ASP B 67 -7.84 10.05 -7.83
C ASP B 67 -8.82 9.77 -6.70
N LEU B 68 -9.05 8.51 -6.38
CA LEU B 68 -9.93 8.18 -5.30
C LEU B 68 -9.29 8.61 -3.99
N GLY B 69 -7.95 8.57 -3.97
CA GLY B 69 -7.18 9.12 -2.87
C GLY B 69 -7.56 10.55 -2.51
N LYS B 70 -7.65 11.41 -3.53
CA LYS B 70 -8.04 12.81 -3.34
C LYS B 70 -9.45 12.89 -2.83
N ASP B 71 -10.34 12.05 -3.36
CA ASP B 71 -11.73 12.01 -2.84
C ASP B 71 -11.76 11.63 -1.38
N LEU B 72 -10.89 10.70 -0.97
CA LEU B 72 -10.89 10.34 0.44
C LEU B 72 -10.34 11.47 1.33
N THR B 73 -9.39 12.28 0.82
CA THR B 73 -8.92 13.43 1.58
C THR B 73 -10.08 14.43 1.80
N GLN B 74 -10.89 14.60 0.76
CA GLN B 74 -12.06 15.48 0.88
C GLN B 74 -13.09 14.85 1.82
N ALA B 75 -13.31 13.54 1.73
CA ALA B 75 -14.20 12.89 2.67
C ALA B 75 -13.71 13.01 4.13
N TRP B 76 -12.40 12.90 4.34
CA TRP B 76 -11.87 13.06 5.68
C TRP B 76 -12.11 14.49 6.17
N ALA B 77 -11.99 15.47 5.28
CA ALA B 77 -12.39 16.83 5.62
C ALA B 77 -13.86 16.93 6.03
N VAL B 78 -14.73 16.23 5.32
CA VAL B 78 -16.14 16.17 5.70
C VAL B 78 -16.28 15.54 7.09
N ALA B 79 -15.55 14.46 7.33
CA ALA B 79 -15.60 13.80 8.64
C ALA B 79 -15.17 14.76 9.76
N MET B 80 -14.12 15.53 9.52
CA MET B 80 -13.66 16.48 10.52
C MET B 80 -14.71 17.59 10.71
N ALA B 81 -15.26 18.06 9.60
CA ALA B 81 -16.23 19.15 9.66
C ALA B 81 -17.51 18.75 10.40
N LEU B 82 -17.94 17.50 10.20
CA LEU B 82 -19.16 16.98 10.84
C LEU B 82 -18.89 16.42 12.23
N GLY B 83 -17.63 16.19 12.58
CA GLY B 83 -17.29 15.61 13.86
C GLY B 83 -17.70 14.14 13.94
N VAL B 84 -17.49 13.41 12.84
CA VAL B 84 -17.90 12.00 12.80
C VAL B 84 -16.70 11.07 12.55
N GLU B 85 -15.50 11.56 12.84
CA GLU B 85 -14.30 10.71 12.69
C GLU B 85 -14.44 9.33 13.36
N ASP B 86 -15.00 9.31 14.57
CA ASP B 86 -15.10 8.05 15.31
C ASP B 86 -16.36 7.27 14.98
N LYS B 87 -17.04 7.65 13.90
CA LYS B 87 -18.14 6.83 13.38
C LYS B 87 -17.76 6.22 12.02
N VAL B 88 -17.00 6.96 11.20
CA VAL B 88 -16.73 6.54 9.82
C VAL B 88 -15.35 5.98 9.61
N THR B 89 -14.45 6.06 10.58
CA THR B 89 -13.08 5.58 10.32
C THR B 89 -13.09 4.09 10.00
N VAL B 90 -13.84 3.27 10.76
CA VAL B 90 -13.89 1.83 10.48
C VAL B 90 -14.53 1.49 9.14
N PRO B 91 -15.70 2.04 8.85
CA PRO B 91 -16.28 1.65 7.58
C PRO B 91 -15.43 2.17 6.40
N LEU B 92 -14.68 3.27 6.58
CA LEU B 92 -13.82 3.74 5.46
C LEU B 92 -12.63 2.80 5.27
N PHE B 93 -11.93 2.45 6.36
CA PHE B 93 -10.80 1.51 6.24
C PHE B 93 -11.31 0.19 5.72
N GLU B 94 -12.45 -0.26 6.26
CA GLU B 94 -12.89 -1.60 5.87
C GLU B 94 -13.42 -1.57 4.46
N GLY B 95 -14.13 -0.50 4.11
CA GLY B 95 -14.66 -0.38 2.76
C GLY B 95 -13.58 -0.36 1.70
N VAL B 96 -12.46 0.31 1.99
CA VAL B 96 -11.38 0.35 1.01
C VAL B 96 -10.57 -0.95 1.00
N GLN B 97 -10.16 -1.44 2.19
CA GLN B 97 -9.18 -2.53 2.26
C GLN B 97 -9.74 -3.92 2.56
N LYS B 98 -10.84 -4.00 3.31
CA LYS B 98 -11.36 -5.30 3.77
C LYS B 98 -12.49 -5.82 2.86
N THR B 99 -13.63 -5.11 2.89
CA THR B 99 -14.82 -5.56 2.16
C THR B 99 -14.73 -5.12 0.70
N GLN B 100 -13.86 -4.15 0.44
CA GLN B 100 -13.64 -3.57 -0.90
C GLN B 100 -14.95 -3.20 -1.60
N THR B 101 -15.77 -2.51 -0.83
CA THR B 101 -17.03 -1.95 -1.31
C THR B 101 -16.88 -0.45 -1.61
N ILE B 102 -15.71 0.14 -1.31
CA ILE B 102 -15.46 1.53 -1.71
C ILE B 102 -14.57 1.56 -2.94
N ARG B 103 -15.19 1.89 -4.09
CA ARG B 103 -14.48 1.82 -5.35
C ARG B 103 -14.55 3.12 -6.11
N SER B 104 -15.34 4.04 -5.59
CA SER B 104 -15.49 5.39 -6.19
C SER B 104 -16.08 6.34 -5.15
N ALA B 105 -16.13 7.62 -5.51
CA ALA B 105 -16.60 8.64 -4.57
C ALA B 105 -18.02 8.39 -4.05
N SER B 106 -18.89 7.85 -4.90
N SER B 106 -18.90 7.86 -4.89
CA SER B 106 -20.27 7.60 -4.49
CA SER B 106 -20.28 7.64 -4.44
C SER B 106 -20.31 6.61 -3.32
C SER B 106 -20.35 6.59 -3.33
N ASP B 107 -19.42 5.63 -3.34
CA ASP B 107 -19.39 4.63 -2.28
C ASP B 107 -18.97 5.26 -0.95
N ILE B 108 -18.14 6.30 -1.00
CA ILE B 108 -17.75 6.98 0.22
C ILE B 108 -18.98 7.65 0.81
N ARG B 109 -19.75 8.31 -0.03
CA ARG B 109 -21.00 9.00 0.40
C ARG B 109 -21.88 8.00 1.10
N ASP B 110 -21.98 6.79 0.54
CA ASP B 110 -22.83 5.77 1.13
C ASP B 110 -22.40 5.42 2.53
N VAL B 111 -21.09 5.41 2.80
CA VAL B 111 -20.59 5.14 4.14
C VAL B 111 -21.12 6.18 5.14
N PHE B 112 -21.09 7.45 4.76
CA PHE B 112 -21.60 8.50 5.66
C PHE B 112 -23.11 8.38 5.83
N ILE B 113 -23.84 8.11 4.75
CA ILE B 113 -25.28 7.95 4.87
C ILE B 113 -25.63 6.78 5.79
N ASN B 114 -24.93 5.66 5.61
CA ASN B 114 -25.13 4.47 6.44
CA ASN B 114 -25.19 4.51 6.46
C ASN B 114 -24.81 4.73 7.92
N ALA B 115 -23.91 5.69 8.17
CA ALA B 115 -23.55 6.05 9.53
C ALA B 115 -24.54 7.08 10.10
N GLY B 116 -25.59 7.40 9.34
CA GLY B 116 -26.62 8.29 9.85
C GLY B 116 -26.55 9.76 9.47
N ILE B 117 -25.62 10.11 8.59
CA ILE B 117 -25.57 11.45 8.05
C ILE B 117 -26.56 11.55 6.89
N LYS B 118 -27.40 12.57 6.85
CA LYS B 118 -28.32 12.68 5.72
C LYS B 118 -27.54 12.98 4.42
N GLY B 119 -27.96 12.37 3.31
CA GLY B 119 -27.36 12.63 2.01
C GLY B 119 -27.21 14.11 1.71
N GLU B 120 -28.28 14.87 1.96
CA GLU B 120 -28.30 16.30 1.68
C GLU B 120 -27.22 17.03 2.47
N GLU B 121 -27.00 16.56 3.70
CA GLU B 121 -26.02 17.15 4.62
C GLU B 121 -24.59 16.79 4.25
N TYR B 122 -24.36 15.52 3.90
CA TYR B 122 -23.07 15.14 3.36
C TYR B 122 -22.74 15.98 2.15
N ASP B 123 -23.70 16.12 1.24
CA ASP B 123 -23.42 16.86 0.02
C ASP B 123 -23.14 18.33 0.33
N ALA B 124 -23.92 18.92 1.24
CA ALA B 124 -23.67 20.31 1.59
C ALA B 124 -22.28 20.47 2.22
N ALA B 125 -21.87 19.55 3.07
CA ALA B 125 -20.54 19.63 3.66
C ALA B 125 -19.48 19.45 2.60
N TRP B 126 -19.67 18.46 1.73
CA TRP B 126 -18.71 18.13 0.66
C TRP B 126 -18.40 19.38 -0.11
N ASN B 127 -19.46 20.16 -0.37
CA ASN B 127 -19.36 21.35 -1.21
C ASN B 127 -19.13 22.64 -0.45
N SER B 128 -18.82 22.52 0.84
CA SER B 128 -18.74 23.69 1.73
C SER B 128 -17.39 24.41 1.70
N PHE B 129 -17.41 25.67 2.13
CA PHE B 129 -16.18 26.45 2.29
C PHE B 129 -15.28 25.80 3.35
N VAL B 130 -15.88 25.37 4.46
CA VAL B 130 -15.11 24.75 5.54
C VAL B 130 -14.31 23.58 4.99
N VAL B 131 -14.94 22.75 4.17
CA VAL B 131 -14.30 21.53 3.69
C VAL B 131 -13.25 21.85 2.62
N LYS B 132 -13.54 22.83 1.77
CA LYS B 132 -12.57 23.29 0.79
C LYS B 132 -11.29 23.76 1.51
N SER B 133 -11.48 24.52 2.58
CA SER B 133 -10.36 25.01 3.40
C SER B 133 -9.61 23.88 4.08
N LEU B 134 -10.34 22.89 4.60
CA LEU B 134 -9.71 21.77 5.28
C LEU B 134 -8.90 20.95 4.28
N VAL B 135 -9.42 20.81 3.07
CA VAL B 135 -8.65 20.10 2.05
C VAL B 135 -7.35 20.83 1.78
N ALA B 136 -7.42 22.16 1.64
CA ALA B 136 -6.23 22.97 1.39
C ALA B 136 -5.24 22.84 2.54
N GLN B 137 -5.75 22.83 3.77
CA GLN B 137 -4.93 22.73 4.98
C GLN B 137 -4.20 21.39 5.03
N GLN B 138 -4.92 20.32 4.68
CA GLN B 138 -4.29 18.99 4.68
C GLN B 138 -3.17 18.89 3.65
N GLU B 139 -3.44 19.41 2.46
CA GLU B 139 -2.48 19.37 1.37
C GLU B 139 -1.26 20.23 1.69
N LYS B 140 -1.50 21.39 2.30
CA LYS B 140 -0.42 22.30 2.64
C LYS B 140 0.47 21.71 3.72
N ALA B 141 -0.13 21.07 4.71
CA ALA B 141 0.64 20.50 5.81
C ALA B 141 1.58 19.44 5.27
N ALA B 142 1.09 18.62 4.35
CA ALA B 142 1.90 17.57 3.74
C ALA B 142 3.05 18.16 2.91
N ALA B 143 2.75 19.20 2.13
CA ALA B 143 3.79 19.86 1.35
C ALA B 143 4.91 20.45 2.22
N ASP B 144 4.52 20.96 3.38
CA ASP B 144 5.42 21.68 4.26
C ASP B 144 6.49 20.77 4.85
N VAL B 145 6.16 19.50 5.05
CA VAL B 145 7.15 18.54 5.54
C VAL B 145 7.67 17.67 4.41
N GLN B 146 7.36 18.05 3.18
CA GLN B 146 7.71 17.27 1.99
C GLN B 146 7.38 15.80 2.22
N LEU B 147 6.13 15.54 2.57
CA LEU B 147 5.75 14.20 2.98
C LEU B 147 5.81 13.23 1.81
N ARG B 148 6.47 12.09 2.03
CA ARG B 148 6.64 11.13 0.95
C ARG B 148 5.97 9.79 1.26
N GLY B 149 5.53 9.61 2.49
CA GLY B 149 4.89 8.37 2.87
C GLY B 149 4.09 8.44 4.16
N VAL B 150 3.19 7.48 4.31
CA VAL B 150 2.42 7.31 5.54
C VAL B 150 2.48 5.85 6.02
N PRO B 151 2.21 5.63 7.31
CA PRO B 151 1.92 6.60 8.36
C PRO B 151 3.10 7.52 8.64
N ALA B 152 2.77 8.68 9.20
CA ALA B 152 3.82 9.60 9.64
C ALA B 152 3.26 10.44 10.77
N MET B 153 4.14 10.85 11.67
CA MET B 153 3.76 11.77 12.73
C MET B 153 4.86 12.79 12.95
N PHE B 154 4.44 14.03 13.12
CA PHE B 154 5.36 15.15 13.36
C PHE B 154 5.01 15.87 14.64
N VAL B 155 6.05 16.29 15.37
CA VAL B 155 5.84 17.07 16.58
C VAL B 155 6.38 18.48 16.37
N ASN B 156 5.49 19.45 16.57
CA ASN B 156 5.86 20.87 16.54
C ASN B 156 6.58 21.31 15.28
N GLY B 157 6.25 20.67 14.16
CA GLY B 157 6.84 21.00 12.88
C GLY B 157 8.34 20.83 12.82
N LYS B 158 8.92 20.12 13.79
CA LYS B 158 10.38 20.03 13.88
C LYS B 158 10.90 18.60 13.89
N TYR B 159 10.10 17.67 14.41
CA TYR B 159 10.56 16.29 14.58
C TYR B 159 9.60 15.31 13.95
N GLN B 160 10.17 14.27 13.36
CA GLN B 160 9.41 13.19 12.74
C GLN B 160 9.61 11.89 13.52
N LEU B 161 8.51 11.22 13.87
CA LEU B 161 8.64 9.92 14.52
C LEU B 161 9.34 8.95 13.60
N ASN B 162 10.16 8.07 14.20
CA ASN B 162 10.92 7.07 13.44
C ASN B 162 10.68 5.67 14.00
N PRO B 163 9.50 5.10 13.75
CA PRO B 163 9.22 3.78 14.31
C PRO B 163 10.20 2.70 13.81
N GLN B 164 10.73 2.86 12.61
CA GLN B 164 11.71 1.91 12.09
C GLN B 164 12.92 1.79 13.01
N GLY B 165 13.16 2.82 13.83
CA GLY B 165 14.29 2.84 14.73
C GLY B 165 13.96 2.32 16.11
N MET B 166 12.71 2.02 16.34
CA MET B 166 12.23 1.54 17.61
C MET B 166 12.31 0.04 17.72
N ASP B 167 11.96 -0.44 18.89
CA ASP B 167 12.15 -1.84 19.21
C ASP B 167 10.87 -2.54 18.87
N THR B 168 10.86 -3.22 17.72
CA THR B 168 9.64 -3.81 17.17
C THR B 168 9.48 -5.28 17.50
N SER B 169 10.27 -5.78 18.46
CA SER B 169 10.20 -7.20 18.80
C SER B 169 8.91 -7.49 19.57
N ASN B 170 8.38 -6.45 20.20
CA ASN B 170 7.28 -6.56 21.16
C ASN B 170 6.37 -5.36 20.93
N MET B 171 5.15 -5.62 20.46
CA MET B 171 4.29 -4.53 20.04
C MET B 171 3.88 -3.66 21.21
N ASP B 172 3.67 -4.27 22.38
CA ASP B 172 3.21 -3.48 23.52
C ASP B 172 4.28 -2.51 23.95
N VAL B 173 5.53 -2.97 23.96
CA VAL B 173 6.64 -2.09 24.33
C VAL B 173 6.86 -1.08 23.19
N PHE B 174 6.72 -1.51 21.93
CA PHE B 174 6.83 -0.60 20.80
C PHE B 174 5.80 0.55 20.88
N VAL B 175 4.54 0.19 21.13
CA VAL B 175 3.49 1.19 21.21
C VAL B 175 3.77 2.24 22.28
N GLN B 176 4.25 1.84 23.45
CA GLN B 176 4.57 2.83 24.48
C GLN B 176 5.86 3.58 24.18
N GLN B 177 6.79 2.92 23.48
CA GLN B 177 8.01 3.62 23.07
C GLN B 177 7.62 4.74 22.08
N TYR B 178 6.68 4.43 21.20
CA TYR B 178 6.21 5.45 20.24
C TYR B 178 5.48 6.59 20.97
N ALA B 179 4.55 6.25 21.85
CA ALA B 179 3.87 7.26 22.69
C ALA B 179 4.84 8.05 23.57
N ASP B 180 5.82 7.37 24.19
CA ASP B 180 6.74 8.07 25.05
C ASP B 180 7.64 8.99 24.25
N THR B 181 7.93 8.61 23.01
CA THR B 181 8.79 9.44 22.18
C THR B 181 8.03 10.74 21.84
N VAL B 182 6.75 10.59 21.48
CA VAL B 182 5.93 11.78 21.23
C VAL B 182 5.88 12.69 22.46
N LYS B 183 5.67 12.11 23.64
CA LYS B 183 5.68 12.90 24.88
C LYS B 183 7.03 13.61 25.09
N TYR B 184 8.14 12.89 24.92
CA TYR B 184 9.47 13.48 25.09
C TYR B 184 9.69 14.65 24.14
N LEU B 185 9.28 14.43 22.88
CA LEU B 185 9.50 15.45 21.85
C LEU B 185 8.59 16.64 22.05
N SER B 186 7.40 16.40 22.58
CA SER B 186 6.49 17.49 22.87
C SER B 186 7.02 18.41 23.99
N GLU B 187 7.83 17.86 24.90
CA GLU B 187 8.38 18.60 26.04
C GLU B 187 9.68 19.31 25.67
N LYS B 188 10.20 19.03 24.49
CA LYS B 188 11.47 19.61 24.04
C LYS B 188 11.36 21.12 23.82
C2 648 C . -1.79 4.48 -12.04
C7 648 C . -4.31 3.01 -8.24
C6 648 C . -3.24 2.62 -7.57
C4 648 C . -1.80 2.45 -10.64
C10 648 C . -4.57 2.04 -5.56
C9 648 C . -5.79 2.46 -6.32
C15 648 C . -7.37 2.96 -9.55
C13 648 C . -7.94 4.05 -7.49
O 648 C . -1.83 5.41 -8.59
C 648 C . -1.83 4.77 -9.59
N 648 C . -1.82 3.31 -9.47
C3 648 C . -2.58 3.24 -11.67
C1 648 C . -1.81 5.53 -10.92
C5 648 C . -1.83 2.68 -8.16
C11 648 C . -3.38 2.12 -6.14
C8 648 C . -5.67 2.90 -7.55
C12 648 C . -6.97 3.31 -8.20
C14 648 C . -8.63 3.48 -9.87
S 648 C . -9.37 4.33 -8.50
H3 648 C . -2.17 4.87 -12.84
H2 648 C . -0.87 4.23 -12.23
H10 648 C . -4.24 3.32 -9.11
H7 648 C . -0.89 2.30 -10.94
H6 648 C . -2.24 1.60 -10.44
H12 648 C . -4.64 1.72 -4.69
H11 648 C . -6.63 2.42 -5.93
H16 648 C . -6.83 2.48 -10.13
H14 648 C . -7.86 4.34 -6.61
H4 648 C . -2.72 2.69 -12.46
H5 648 C . -3.44 3.50 -11.30
H1 648 C . -1.08 6.17 -10.92
H 648 C . -2.56 6.11 -11.04
H9 648 C . -1.49 1.78 -8.24
H8 648 C . -1.26 3.19 -7.56
H13 648 C . -2.63 1.85 -5.67
H15 648 C . -9.06 3.35 -10.69
CU CU D . 22.25 7.51 24.23
CU CU E . 24.11 9.81 22.43
#